data_8ST7
#
_entry.id   8ST7
#
_cell.length_a   35.855
_cell.length_b   157.276
_cell.length_c   53.025
_cell.angle_alpha   90.000
_cell.angle_beta   93.756
_cell.angle_gamma   90.000
#
_symmetry.space_group_name_H-M   'P 1 21 1'
#
loop_
_entity.id
_entity.type
_entity.pdbx_description
1 polymer Ubiquitin
2 polymer 'E3 ubiquitin-protein ligase SopA-like catalytic domain-containing protein'
3 non-polymer prop-2-en-1-amine
4 water water
#
loop_
_entity_poly.entity_id
_entity_poly.type
_entity_poly.pdbx_seq_one_letter_code
_entity_poly.pdbx_strand_id
1 'polypeptide(L)' MQIFVKTLTGKTITLEVEPSDTIENVKAKIQDKEGIPPDQQRLIFAGKQLEDGRTLSDYNIQKESTLHLVLRLRG D,B
2 'polypeptide(L)'
;HHHHHHSSGLEVLFQGPQNISNLLDQIFQHDEQGAYRTLFKEVVRKKDTNRKLTGIKETSASEREPYSIDETDPEKLKKI
FLRLYISPPKLYISRNDRISKEHIKQILEAYGLQEAAPEEQSYALLAISALFCKYSSSGIFGTEENSPPELRRYACSLLS
EVGDMRLEGVSQNEIVDYQNRLRGAKNAFTCTAVLFSTIQKKLQLLHKDQKNLKKIYDQIIPLVWQ
;
A,C
#
loop_
_chem_comp.id
_chem_comp.type
_chem_comp.name
_chem_comp.formula
AYE non-polymer prop-2-en-1-amine 'C3 H7 N'
#
# COMPACT_ATOMS: atom_id res chain seq x y z
N MET A 1 -24.54 -1.17 50.75
CA MET A 1 -25.11 -0.11 49.91
C MET A 1 -25.01 -0.56 48.46
N GLN A 2 -25.82 0.06 47.61
CA GLN A 2 -25.85 -0.26 46.19
C GLN A 2 -24.97 0.71 45.42
N ILE A 3 -24.20 0.20 44.45
CA ILE A 3 -23.59 1.04 43.43
C ILE A 3 -23.92 0.44 42.06
N PHE A 4 -23.70 1.22 41.02
CA PHE A 4 -23.99 0.81 39.66
C PHE A 4 -22.71 0.86 38.84
N VAL A 5 -22.54 -0.09 37.93
CA VAL A 5 -21.39 -0.11 37.04
C VAL A 5 -21.92 -0.13 35.62
N LYS A 6 -21.65 0.94 34.87
CA LYS A 6 -22.17 1.08 33.51
C LYS A 6 -21.13 0.55 32.54
N THR A 7 -21.57 -0.34 31.65
CA THR A 7 -20.70 -0.84 30.60
C THR A 7 -20.77 0.08 29.38
N LEU A 8 -19.84 -0.13 28.44
CA LEU A 8 -19.85 0.63 27.20
C LEU A 8 -20.99 0.24 26.28
N THR A 9 -21.60 -0.93 26.50
CA THR A 9 -22.54 -1.52 25.58
C THR A 9 -24.00 -1.36 26.01
N GLY A 10 -24.26 -0.62 27.09
CA GLY A 10 -25.60 -0.23 27.49
C GLY A 10 -26.06 -0.83 28.81
N LYS A 11 -25.52 -1.98 29.19
CA LYS A 11 -25.92 -2.63 30.43
C LYS A 11 -25.43 -1.85 31.66
N THR A 12 -26.28 -1.75 32.66
CA THR A 12 -25.87 -1.27 33.98
C THR A 12 -25.90 -2.47 34.93
N ILE A 13 -24.79 -2.69 35.63
CA ILE A 13 -24.63 -3.77 36.60
C ILE A 13 -24.88 -3.20 37.99
N THR A 14 -25.73 -3.83 38.78
CA THR A 14 -25.98 -3.39 40.15
C THR A 14 -25.20 -4.30 41.10
N LEU A 15 -24.45 -3.69 42.02
CA LEU A 15 -23.66 -4.40 43.01
C LEU A 15 -24.10 -4.01 44.41
N GLU A 16 -23.93 -4.94 45.35
CA GLU A 16 -24.07 -4.66 46.77
C GLU A 16 -22.65 -4.62 47.33
N VAL A 17 -22.28 -3.50 47.93
CA VAL A 17 -20.93 -3.26 48.40
C VAL A 17 -20.97 -2.54 49.75
N GLU A 18 -19.81 -2.48 50.39
CA GLU A 18 -19.64 -1.68 51.60
C GLU A 18 -18.63 -0.59 51.29
N PRO A 19 -18.68 0.56 51.99
CA PRO A 19 -17.68 1.61 51.74
C PRO A 19 -16.26 1.14 51.94
N SER A 20 -16.04 0.11 52.75
CA SER A 20 -14.72 -0.40 53.06
C SER A 20 -14.20 -1.37 51.99
N ASP A 21 -15.01 -1.67 50.97
CA ASP A 21 -14.58 -2.64 49.97
C ASP A 21 -13.49 -2.05 49.11
N THR A 22 -12.53 -2.90 48.76
CA THR A 22 -11.47 -2.48 47.87
C THR A 22 -11.95 -2.55 46.43
N ILE A 23 -11.23 -1.84 45.57
CA ILE A 23 -11.50 -1.91 44.13
C ILE A 23 -11.40 -3.35 43.64
N GLU A 24 -10.42 -4.12 44.14
CA GLU A 24 -10.34 -5.52 43.72
C GLU A 24 -11.59 -6.31 44.11
N ASN A 25 -12.10 -6.05 45.33
CA ASN A 25 -13.32 -6.68 45.77
C ASN A 25 -14.44 -6.36 44.80
N VAL A 26 -14.53 -5.10 44.38
CA VAL A 26 -15.59 -4.73 43.44
C VAL A 26 -15.42 -5.45 42.11
N LYS A 27 -14.18 -5.51 41.61
CA LYS A 27 -13.92 -6.25 40.38
C LYS A 27 -14.28 -7.72 40.51
N ALA A 28 -14.02 -8.31 41.67
CA ALA A 28 -14.44 -9.68 41.89
C ALA A 28 -15.97 -9.82 41.88
N LYS A 29 -16.69 -8.83 42.43
CA LYS A 29 -18.14 -8.90 42.36
C LYS A 29 -18.66 -8.76 40.93
N ILE A 30 -17.96 -7.99 40.09
CA ILE A 30 -18.32 -7.91 38.69
C ILE A 30 -18.08 -9.25 38.00
N GLN A 31 -16.99 -9.93 38.36
CA GLN A 31 -16.72 -11.27 37.85
C GLN A 31 -17.82 -12.23 38.24
N ASP A 32 -18.34 -12.12 39.46
CA ASP A 32 -19.43 -13.00 39.86
C ASP A 32 -20.64 -12.80 38.98
N LYS A 33 -20.94 -11.55 38.63
CA LYS A 33 -22.15 -11.26 37.89
C LYS A 33 -21.97 -11.47 36.41
N GLU A 34 -20.80 -11.18 35.87
CA GLU A 34 -20.65 -11.11 34.42
C GLU A 34 -19.54 -11.99 33.87
N GLY A 35 -18.73 -12.60 34.71
CA GLY A 35 -17.66 -13.48 34.28
C GLY A 35 -16.37 -12.80 33.88
N ILE A 36 -16.32 -11.45 33.89
CA ILE A 36 -15.15 -10.74 33.38
C ILE A 36 -13.99 -10.89 34.35
N PRO A 37 -12.83 -11.36 33.90
CA PRO A 37 -11.68 -11.46 34.80
C PRO A 37 -11.31 -10.11 35.40
N PRO A 38 -11.06 -10.06 36.70
CA PRO A 38 -10.66 -8.78 37.30
C PRO A 38 -9.46 -8.14 36.64
N ASP A 39 -8.47 -8.91 36.20
CA ASP A 39 -7.23 -8.33 35.66
C ASP A 39 -7.50 -7.54 34.35
N GLN A 40 -8.62 -7.81 33.68
CA GLN A 40 -8.99 -7.09 32.43
C GLN A 40 -9.86 -5.88 32.72
N GLN A 41 -10.32 -5.70 33.94
CA GLN A 41 -11.28 -4.61 34.25
C GLN A 41 -10.54 -3.30 34.55
N ARG A 42 -11.03 -2.24 33.94
CA ARG A 42 -10.62 -0.87 34.29
CA ARG A 42 -10.56 -0.87 34.32
C ARG A 42 -11.87 -0.21 34.80
N LEU A 43 -11.86 0.30 36.02
CA LEU A 43 -13.02 0.95 36.61
C LEU A 43 -12.72 2.45 36.73
N ILE A 44 -13.71 3.26 36.42
CA ILE A 44 -13.54 4.71 36.30
C ILE A 44 -14.66 5.40 37.07
N PHE A 45 -14.29 6.40 37.85
CA PHE A 45 -15.26 7.19 38.57
C PHE A 45 -14.80 8.64 38.55
N ALA A 46 -15.68 9.53 38.10
CA ALA A 46 -15.34 10.95 38.00
C ALA A 46 -14.07 11.16 37.16
N GLY A 47 -13.97 10.44 36.06
CA GLY A 47 -12.86 10.59 35.15
C GLY A 47 -11.54 10.03 35.62
N LYS A 48 -11.49 9.40 36.79
CA LYS A 48 -10.28 8.83 37.34
C LYS A 48 -10.31 7.31 37.25
N GLN A 49 -9.18 6.72 36.88
CA GLN A 49 -9.04 5.28 36.97
C GLN A 49 -8.91 4.88 38.43
N LEU A 50 -9.71 3.90 38.85
CA LEU A 50 -9.73 3.47 40.27
C LEU A 50 -8.65 2.41 40.43
N GLU A 51 -7.85 2.52 41.48
CA GLU A 51 -6.69 1.63 41.66
C GLU A 51 -6.99 0.53 42.67
N ASP A 52 -6.57 -0.69 42.33
CA ASP A 52 -6.68 -1.81 43.27
C ASP A 52 -5.93 -1.41 44.54
N GLY A 53 -6.45 -1.78 45.69
CA GLY A 53 -5.82 -1.49 46.97
C GLY A 53 -6.55 -0.34 47.62
N ARG A 54 -7.02 0.62 46.83
CA ARG A 54 -7.82 1.73 47.37
C ARG A 54 -9.23 1.22 47.61
N THR A 55 -9.99 1.92 48.43
CA THR A 55 -11.34 1.55 48.80
C THR A 55 -12.33 2.52 48.18
N LEU A 56 -13.60 2.09 48.11
CA LEU A 56 -14.65 2.98 47.63
C LEU A 56 -14.65 4.28 48.44
N SER A 57 -14.51 4.17 49.77
CA SER A 57 -14.48 5.37 50.59
C SER A 57 -13.30 6.27 50.24
N ASP A 58 -12.17 5.66 49.87
CA ASP A 58 -11.00 6.46 49.48
C ASP A 58 -11.32 7.41 48.35
N TYR A 59 -12.16 6.98 47.41
CA TYR A 59 -12.56 7.81 46.29
C TYR A 59 -13.85 8.53 46.57
N ASN A 60 -14.30 8.54 47.83
CA ASN A 60 -15.57 9.14 48.19
C ASN A 60 -16.67 8.66 47.26
N ILE A 61 -16.75 7.34 47.10
CA ILE A 61 -17.80 6.71 46.31
C ILE A 61 -18.92 6.33 47.27
N GLN A 62 -20.03 7.05 47.15
CA GLN A 62 -21.16 6.90 48.09
C GLN A 62 -22.21 5.97 47.52
N LYS A 63 -23.28 5.80 48.26
CA LYS A 63 -24.41 4.97 47.84
C LYS A 63 -24.98 5.51 46.54
N GLU A 64 -25.35 4.61 45.62
CA GLU A 64 -26.01 4.96 44.36
C GLU A 64 -25.03 5.62 43.40
N SER A 65 -23.74 5.56 43.66
CA SER A 65 -22.80 6.08 42.69
C SER A 65 -22.78 5.19 41.46
N THR A 66 -22.35 5.79 40.34
CA THR A 66 -22.22 5.10 39.07
C THR A 66 -20.76 5.10 38.67
N LEU A 67 -20.22 3.89 38.45
CA LEU A 67 -18.87 3.72 37.94
C LEU A 67 -18.98 3.28 36.49
N HIS A 68 -17.88 3.40 35.75
CA HIS A 68 -17.83 2.96 34.37
C HIS A 68 -16.77 1.89 34.22
N LEU A 69 -17.06 0.90 33.36
CA LEU A 69 -16.17 -0.23 33.15
C LEU A 69 -15.67 -0.24 31.71
N VAL A 70 -14.36 -0.37 31.55
CA VAL A 70 -13.69 -0.57 30.27
C VAL A 70 -12.83 -1.82 30.38
N LEU A 71 -12.77 -2.59 29.30
CA LEU A 71 -11.88 -3.74 29.23
C LEU A 71 -10.49 -3.28 28.77
N ARG A 72 -9.46 -3.87 29.35
CA ARG A 72 -8.04 -3.58 29.11
C ARG A 72 -7.60 -4.40 27.90
N LEU A 73 -7.91 -3.84 26.72
CA LEU A 73 -7.67 -4.46 25.41
C LEU A 73 -7.03 -3.39 24.52
N ARG A 74 -5.72 -3.50 24.31
CA ARG A 74 -4.97 -2.45 23.65
C ARG A 74 -4.97 -2.64 22.13
N GLY A 75 -5.15 -1.53 21.42
CA GLY A 75 -5.02 -1.58 19.96
C GLY A 75 -3.61 -1.55 19.45
N MET B 1 40.58 1.71 -38.10
CA MET B 1 39.93 0.40 -38.04
C MET B 1 38.47 0.61 -37.63
N GLN B 2 37.58 -0.30 -38.03
CA GLN B 2 36.19 -0.13 -37.68
C GLN B 2 35.91 -0.86 -36.38
N ILE B 3 35.12 -0.22 -35.51
CA ILE B 3 34.52 -0.92 -34.37
C ILE B 3 33.02 -0.64 -34.38
N PHE B 4 32.28 -1.43 -33.60
CA PHE B 4 30.84 -1.34 -33.52
C PHE B 4 30.44 -1.00 -32.09
N VAL B 5 29.43 -0.15 -31.96
CA VAL B 5 28.86 0.17 -30.65
C VAL B 5 27.38 -0.21 -30.70
N LYS B 6 27.03 -1.26 -29.96
CA LYS B 6 25.65 -1.73 -29.98
C LYS B 6 24.87 -1.01 -28.88
N THR B 7 23.74 -0.45 -29.25
CA THR B 7 22.85 0.17 -28.27
C THR B 7 21.89 -0.89 -27.70
N LEU B 8 21.19 -0.50 -26.64
CA LEU B 8 20.24 -1.44 -26.06
C LEU B 8 18.98 -1.56 -26.90
N THR B 9 18.75 -0.64 -27.82
CA THR B 9 17.50 -0.58 -28.57
C THR B 9 17.62 -1.22 -29.95
N GLY B 10 18.71 -1.93 -30.19
CA GLY B 10 18.91 -2.67 -31.44
C GLY B 10 20.00 -2.09 -32.33
N LYS B 11 19.99 -0.77 -32.47
CA LYS B 11 20.85 -0.09 -33.42
C LYS B 11 22.32 -0.36 -33.12
N THR B 12 23.11 -0.51 -34.17
CA THR B 12 24.56 -0.59 -34.05
C THR B 12 25.17 0.60 -34.73
N ILE B 13 26.00 1.32 -34.00
CA ILE B 13 26.73 2.48 -34.49
C ILE B 13 28.09 1.96 -34.99
N THR B 14 28.46 2.35 -36.21
CA THR B 14 29.79 2.05 -36.77
C THR B 14 30.70 3.25 -36.61
N LEU B 15 31.87 3.02 -36.03
CA LEU B 15 32.87 4.05 -35.83
C LEU B 15 34.16 3.68 -36.55
N GLU B 16 34.89 4.71 -36.96
CA GLU B 16 36.25 4.57 -37.48
C GLU B 16 37.16 5.13 -36.41
N VAL B 17 38.09 4.30 -35.94
CA VAL B 17 38.91 4.60 -34.78
C VAL B 17 40.34 4.15 -35.01
N GLU B 18 41.21 4.60 -34.14
CA GLU B 18 42.60 4.17 -34.04
C GLU B 18 42.82 3.48 -32.69
N PRO B 19 43.73 2.51 -32.63
CA PRO B 19 44.11 1.94 -31.31
C PRO B 19 44.51 2.99 -30.28
N SER B 20 45.09 4.11 -30.71
CA SER B 20 45.51 5.14 -29.78
C SER B 20 44.40 6.07 -29.34
N ASP B 21 43.19 5.90 -29.87
CA ASP B 21 42.08 6.73 -29.42
C ASP B 21 41.75 6.42 -27.96
N THR B 22 41.50 7.49 -27.21
CA THR B 22 41.04 7.34 -25.83
C THR B 22 39.54 7.01 -25.80
N ILE B 23 39.10 6.46 -24.68
CA ILE B 23 37.66 6.16 -24.48
C ILE B 23 36.87 7.48 -24.59
N GLU B 24 37.42 8.58 -24.09
CA GLU B 24 36.75 9.90 -24.18
C GLU B 24 36.59 10.28 -25.66
N ASN B 25 37.60 10.00 -26.47
CA ASN B 25 37.46 10.23 -27.91
CA ASN B 25 37.47 10.26 -27.93
C ASN B 25 36.39 9.37 -28.58
N VAL B 26 36.27 8.12 -28.14
CA VAL B 26 35.22 7.27 -28.68
C VAL B 26 33.85 7.82 -28.31
N LYS B 27 33.70 8.27 -27.06
CA LYS B 27 32.44 8.88 -26.61
C LYS B 27 32.12 10.13 -27.42
N ALA B 28 33.14 10.94 -27.74
CA ALA B 28 32.94 12.09 -28.62
C ALA B 28 32.49 11.67 -30.01
N LYS B 29 33.05 10.58 -30.53
CA LYS B 29 32.61 10.08 -31.83
C LYS B 29 31.15 9.62 -31.79
N ILE B 30 30.75 9.00 -30.69
CA ILE B 30 29.35 8.60 -30.53
C ILE B 30 28.44 9.81 -30.49
N GLN B 31 28.87 10.88 -29.81
CA GLN B 31 28.09 12.12 -29.76
C GLN B 31 27.97 12.71 -31.16
N ASP B 32 29.06 12.67 -31.94
CA ASP B 32 28.96 13.22 -33.29
C ASP B 32 27.87 12.52 -34.08
N LYS B 33 27.72 11.21 -33.90
CA LYS B 33 26.77 10.46 -34.71
C LYS B 33 25.35 10.44 -34.12
N GLU B 34 25.23 10.49 -32.80
CA GLU B 34 23.95 10.26 -32.14
C GLU B 34 23.54 11.38 -31.19
N GLY B 35 24.40 12.32 -30.86
CA GLY B 35 24.06 13.45 -30.02
C GLY B 35 24.09 13.20 -28.52
N ILE B 36 24.41 11.98 -28.10
CA ILE B 36 24.43 11.62 -26.68
C ILE B 36 25.60 12.32 -25.98
N PRO B 37 25.37 13.10 -24.94
CA PRO B 37 26.49 13.72 -24.23
C PRO B 37 27.45 12.66 -23.71
N PRO B 38 28.76 12.83 -23.95
CA PRO B 38 29.72 11.85 -23.39
C PRO B 38 29.56 11.60 -21.91
N ASP B 39 29.23 12.63 -21.13
CA ASP B 39 29.09 12.51 -19.68
C ASP B 39 28.08 11.44 -19.29
N GLN B 40 27.10 11.17 -20.16
CA GLN B 40 26.04 10.21 -19.90
C GLN B 40 26.34 8.80 -20.40
N GLN B 41 27.43 8.62 -21.12
CA GLN B 41 27.71 7.36 -21.78
C GLN B 41 28.53 6.41 -20.88
N ARG B 42 28.08 5.18 -20.78
CA ARG B 42 28.88 4.07 -20.27
C ARG B 42 29.16 3.11 -21.41
N LEU B 43 30.45 2.81 -21.66
CA LEU B 43 30.82 1.85 -22.70
C LEU B 43 31.39 0.60 -22.04
N ILE B 44 31.02 -0.55 -22.57
CA ILE B 44 31.35 -1.86 -22.03
C ILE B 44 31.97 -2.70 -23.14
N PHE B 45 33.06 -3.39 -22.82
CA PHE B 45 33.67 -4.34 -23.74
C PHE B 45 34.05 -5.59 -22.95
N ALA B 46 33.58 -6.74 -23.39
CA ALA B 46 33.95 -7.98 -22.71
C ALA B 46 33.55 -7.93 -21.23
N GLY B 47 32.41 -7.31 -20.96
CA GLY B 47 31.88 -7.24 -19.61
C GLY B 47 32.53 -6.23 -18.70
N LYS B 48 33.56 -5.50 -19.15
CA LYS B 48 34.21 -4.51 -18.32
C LYS B 48 33.82 -3.10 -18.77
N GLN B 49 33.65 -2.21 -17.81
CA GLN B 49 33.36 -0.82 -18.15
C GLN B 49 34.67 -0.13 -18.55
N LEU B 50 34.60 0.66 -19.62
CA LEU B 50 35.80 1.32 -20.18
C LEU B 50 36.00 2.67 -19.51
N GLU B 51 37.23 2.96 -19.12
CA GLU B 51 37.54 4.16 -18.34
C GLU B 51 38.10 5.27 -19.22
N ASP B 52 37.54 6.45 -19.04
CA ASP B 52 38.06 7.62 -19.73
C ASP B 52 39.52 7.75 -19.30
N GLY B 53 40.40 8.02 -20.22
CA GLY B 53 41.81 8.24 -19.95
C GLY B 53 42.60 7.11 -20.58
N ARG B 54 41.97 5.94 -20.68
CA ARG B 54 42.61 4.76 -21.27
C ARG B 54 42.36 4.75 -22.76
N THR B 55 43.13 3.99 -23.52
CA THR B 55 43.00 3.88 -24.99
C THR B 55 42.35 2.56 -25.37
N LEU B 56 41.85 2.48 -26.59
CA LEU B 56 41.35 1.21 -27.09
C LEU B 56 42.42 0.13 -27.01
N SER B 57 43.68 0.48 -27.33
CA SER B 57 44.74 -0.53 -27.25
C SER B 57 44.99 -0.99 -25.83
N ASP B 58 44.82 -0.11 -24.85
CA ASP B 58 44.97 -0.49 -23.46
C ASP B 58 44.01 -1.61 -23.07
N TYR B 59 42.87 -1.76 -23.79
CA TYR B 59 41.85 -2.77 -23.55
C TYR B 59 41.93 -3.90 -24.56
N ASN B 60 42.92 -3.87 -25.45
CA ASN B 60 43.00 -4.83 -26.52
C ASN B 60 41.71 -4.89 -27.33
N ILE B 61 41.12 -3.73 -27.64
CA ILE B 61 39.99 -3.62 -28.55
C ILE B 61 40.55 -3.52 -29.97
N GLN B 62 40.23 -4.50 -30.80
CA GLN B 62 40.80 -4.66 -32.13
C GLN B 62 39.72 -4.40 -33.18
N LYS B 63 40.07 -4.58 -34.45
CA LYS B 63 39.10 -4.32 -35.53
C LYS B 63 37.84 -5.17 -35.35
N GLU B 64 36.69 -4.59 -35.67
CA GLU B 64 35.37 -5.28 -35.65
C GLU B 64 34.95 -5.67 -34.23
N SER B 65 35.63 -5.17 -33.20
CA SER B 65 35.18 -5.39 -31.81
C SER B 65 33.82 -4.72 -31.63
N THR B 66 32.94 -5.27 -30.80
CA THR B 66 31.66 -4.64 -30.46
C THR B 66 31.71 -4.17 -29.01
N LEU B 67 31.49 -2.89 -28.84
CA LEU B 67 31.30 -2.28 -27.53
C LEU B 67 29.80 -2.14 -27.29
N HIS B 68 29.41 -2.11 -26.03
CA HIS B 68 28.01 -1.92 -25.66
C HIS B 68 27.87 -0.59 -24.95
N LEU B 69 26.81 0.12 -25.31
CA LEU B 69 26.53 1.45 -24.80
C LEU B 69 25.31 1.42 -23.89
N VAL B 70 25.45 1.98 -22.69
CA VAL B 70 24.34 2.13 -21.74
C VAL B 70 24.35 3.59 -21.27
N LEU B 71 23.16 4.17 -21.06
CA LEU B 71 23.09 5.54 -20.57
C LEU B 71 23.17 5.53 -19.04
N ARG B 72 23.87 6.52 -18.47
CA ARG B 72 24.00 6.65 -17.01
CA ARG B 72 24.01 6.66 -16.97
C ARG B 72 22.75 7.29 -16.36
N LEU B 73 21.74 6.46 -16.15
CA LEU B 73 20.41 6.88 -15.70
C LEU B 73 20.00 5.87 -14.63
N ARG B 74 20.10 6.29 -13.37
CA ARG B 74 19.96 5.34 -12.26
C ARG B 74 18.50 5.24 -11.82
N GLY B 75 18.07 4.04 -11.42
CA GLY B 75 16.72 3.87 -10.89
C GLY B 75 16.60 4.18 -9.42
N SER C 8 -17.63 9.31 -3.29
CA SER C 8 -17.51 8.67 -1.95
C SER C 8 -16.26 7.81 -1.90
N GLY C 9 -15.79 7.51 -0.69
CA GLY C 9 -14.61 6.67 -0.52
C GLY C 9 -14.85 5.32 -1.15
N LEU C 10 -16.09 4.86 -1.17
CA LEU C 10 -16.44 3.51 -1.70
C LEU C 10 -16.36 3.55 -3.22
N GLU C 11 -16.79 4.65 -3.84
CA GLU C 11 -16.69 4.83 -5.30
C GLU C 11 -15.22 4.92 -5.66
N VAL C 12 -14.43 5.66 -4.88
CA VAL C 12 -12.97 5.84 -5.12
C VAL C 12 -12.28 4.48 -5.03
N LEU C 13 -12.64 3.67 -4.04
CA LEU C 13 -12.08 2.32 -3.93
C LEU C 13 -12.42 1.49 -5.15
N PHE C 14 -13.71 1.48 -5.54
CA PHE C 14 -14.13 0.61 -6.63
C PHE C 14 -13.57 1.03 -7.97
N GLN C 15 -13.21 2.31 -8.13
CA GLN C 15 -12.74 2.80 -9.42
C GLN C 15 -11.22 2.85 -9.55
N GLY C 16 -10.48 2.44 -8.53
CA GLY C 16 -9.03 2.45 -8.59
C GLY C 16 -8.46 1.69 -9.77
N PRO C 17 -8.81 0.40 -9.95
CA PRO C 17 -8.28 -0.41 -11.03
C PRO C 17 -8.64 0.20 -12.40
N GLN C 18 -9.88 0.67 -12.54
CA GLN C 18 -10.37 1.20 -13.84
C GLN C 18 -9.60 2.48 -14.19
N ASN C 19 -9.30 3.29 -13.19
CA ASN C 19 -8.61 4.59 -13.41
C ASN C 19 -7.21 4.34 -13.98
N ILE C 20 -6.44 3.48 -13.32
CA ILE C 20 -5.07 3.26 -13.79
C ILE C 20 -5.12 2.59 -15.16
N SER C 21 -6.05 1.64 -15.32
CA SER C 21 -6.21 0.94 -16.59
C SER C 21 -6.54 1.90 -17.72
N ASN C 22 -7.46 2.83 -17.49
CA ASN C 22 -7.83 3.78 -18.54
C ASN C 22 -6.65 4.62 -18.99
N LEU C 23 -5.81 5.06 -18.05
CA LEU C 23 -4.64 5.84 -18.45
C LEU C 23 -3.69 4.99 -19.31
N LEU C 24 -3.43 3.77 -18.84
CA LEU C 24 -2.45 2.93 -19.51
C LEU C 24 -2.95 2.49 -20.88
N ASP C 25 -4.26 2.42 -21.07
CA ASP C 25 -4.76 2.07 -22.39
C ASP C 25 -4.41 3.15 -23.40
N GLN C 26 -4.35 4.42 -22.96
CA GLN C 26 -3.90 5.48 -23.82
C GLN C 26 -2.38 5.43 -24.04
N ILE C 27 -1.61 5.30 -22.96
CA ILE C 27 -0.15 5.35 -23.11
C ILE C 27 0.36 4.19 -23.92
N PHE C 28 -0.21 2.99 -23.74
CA PHE C 28 0.19 1.76 -24.42
C PHE C 28 -0.74 1.43 -25.60
N GLN C 29 -1.36 2.42 -26.22
CA GLN C 29 -2.26 2.14 -27.33
C GLN C 29 -1.55 1.49 -28.49
N HIS C 30 -0.23 1.64 -28.63
CA HIS C 30 0.51 1.11 -29.75
C HIS C 30 1.23 -0.19 -29.38
N ASP C 31 0.93 -0.73 -28.20
CA ASP C 31 1.45 -2.06 -27.80
C ASP C 31 0.52 -3.12 -28.42
N GLU C 32 0.79 -3.53 -29.66
CA GLU C 32 -0.11 -4.45 -30.39
C GLU C 32 -0.17 -5.83 -29.74
N GLN C 33 0.93 -6.33 -29.20
CA GLN C 33 0.97 -7.66 -28.54
C GLN C 33 0.23 -7.55 -27.20
N GLY C 34 0.34 -6.41 -26.51
CA GLY C 34 -0.42 -6.16 -25.32
C GLY C 34 0.20 -6.57 -24.01
N ALA C 35 1.36 -7.23 -24.04
CA ALA C 35 1.94 -7.74 -22.80
C ALA C 35 2.49 -6.62 -21.89
N TYR C 36 3.09 -5.58 -22.47
CA TYR C 36 3.56 -4.47 -21.65
C TYR C 36 2.38 -3.72 -21.06
N ARG C 37 1.32 -3.48 -21.87
CA ARG C 37 0.14 -2.81 -21.35
C ARG C 37 -0.38 -3.54 -20.12
N THR C 38 -0.48 -4.86 -20.20
CA THR C 38 -0.92 -5.65 -19.07
C THR C 38 0.04 -5.56 -17.88
N LEU C 39 1.35 -5.68 -18.14
CA LEU C 39 2.34 -5.65 -17.07
C LEU C 39 2.27 -4.36 -16.28
N PHE C 40 2.11 -3.23 -16.98
CA PHE C 40 2.05 -1.94 -16.29
C PHE C 40 0.81 -1.78 -15.45
N LYS C 41 -0.28 -2.45 -15.82
CA LYS C 41 -1.49 -2.44 -15.00
C LYS C 41 -1.31 -3.32 -13.76
N GLU C 42 -0.85 -4.54 -13.96
CA GLU C 42 -0.78 -5.54 -12.89
C GLU C 42 0.24 -5.15 -11.82
N VAL C 43 1.31 -4.46 -12.21
CA VAL C 43 2.41 -4.21 -11.27
C VAL C 43 2.02 -3.24 -10.19
N VAL C 44 0.95 -2.46 -10.37
CA VAL C 44 0.64 -1.41 -9.41
C VAL C 44 0.05 -1.99 -8.12
N ARG C 45 -0.19 -3.29 -8.09
CA ARG C 45 -0.57 -3.92 -6.83
C ARG C 45 0.63 -4.32 -5.98
N LYS C 46 1.85 -4.11 -6.46
CA LYS C 46 3.04 -4.58 -5.79
C LYS C 46 3.90 -3.43 -5.28
N LYS C 47 4.51 -3.65 -4.11
CA LYS C 47 5.44 -2.67 -3.59
C LYS C 47 6.74 -2.67 -4.39
N ASP C 48 7.11 -3.82 -4.93
CA ASP C 48 8.30 -3.95 -5.78
C ASP C 48 8.16 -5.22 -6.61
N THR C 49 9.02 -5.33 -7.63
CA THR C 49 8.98 -6.47 -8.53
C THR C 49 10.40 -6.78 -8.98
N ASN C 50 10.65 -8.05 -9.27
CA ASN C 50 11.91 -8.50 -9.84
C ASN C 50 11.92 -8.45 -11.36
N ARG C 51 10.80 -8.14 -12.00
CA ARG C 51 10.76 -7.99 -13.46
C ARG C 51 11.27 -6.59 -13.79
N LYS C 52 12.40 -6.53 -14.45
CA LYS C 52 13.04 -5.26 -14.79
C LYS C 52 13.05 -5.11 -16.29
N LEU C 53 12.83 -3.88 -16.75
CA LEU C 53 12.67 -3.59 -18.17
C LEU C 53 13.89 -2.89 -18.77
N THR C 54 15.05 -3.02 -18.10
CA THR C 54 16.25 -2.32 -18.52
C THR C 54 16.98 -3.02 -19.66
N GLY C 55 16.72 -4.30 -19.86
CA GLY C 55 17.44 -5.08 -20.86
C GLY C 55 18.85 -5.44 -20.46
N ILE C 56 19.23 -5.22 -19.20
CA ILE C 56 20.62 -5.33 -18.75
C ILE C 56 20.72 -6.40 -17.68
N LYS C 57 21.54 -7.42 -17.93
CA LYS C 57 21.77 -8.48 -16.91
C LYS C 57 22.68 -7.91 -15.81
N GLU C 58 22.24 -8.03 -14.57
CA GLU C 58 22.99 -7.56 -13.38
C GLU C 58 22.74 -8.55 -12.25
N PRO C 66 16.88 -13.12 -8.15
CA PRO C 66 17.51 -12.60 -9.38
C PRO C 66 16.48 -11.87 -10.25
N TYR C 67 16.91 -10.85 -10.99
CA TYR C 67 16.01 -10.05 -11.84
C TYR C 67 15.55 -10.83 -13.06
N SER C 68 14.29 -10.66 -13.44
CA SER C 68 13.75 -11.26 -14.68
C SER C 68 14.02 -10.23 -15.77
N ILE C 69 14.96 -10.51 -16.66
CA ILE C 69 15.41 -9.56 -17.70
C ILE C 69 15.04 -10.08 -19.06
N ASP C 70 14.64 -9.20 -19.95
CA ASP C 70 14.38 -9.50 -21.35
C ASP C 70 15.15 -8.48 -22.17
N GLU C 71 16.18 -8.95 -22.90
CA GLU C 71 17.01 -8.02 -23.65
C GLU C 71 16.28 -7.28 -24.75
N THR C 72 15.05 -7.70 -25.11
CA THR C 72 14.28 -7.00 -26.10
C THR C 72 13.42 -5.86 -25.53
N ASP C 73 13.35 -5.73 -24.19
CA ASP C 73 12.49 -4.70 -23.63
C ASP C 73 12.86 -3.31 -24.13
N PRO C 74 14.13 -2.90 -24.14
CA PRO C 74 14.43 -1.52 -24.58
C PRO C 74 13.93 -1.18 -25.95
N GLU C 75 14.14 -2.08 -26.93
CA GLU C 75 13.68 -1.81 -28.27
C GLU C 75 12.15 -1.78 -28.34
N LYS C 76 11.48 -2.70 -27.66
CA LYS C 76 10.02 -2.73 -27.73
C LYS C 76 9.41 -1.52 -27.05
N LEU C 77 9.99 -1.06 -25.94
CA LEU C 77 9.50 0.17 -25.33
C LEU C 77 9.73 1.39 -26.22
N LYS C 78 10.88 1.48 -26.88
CA LYS C 78 11.12 2.57 -27.81
C LYS C 78 10.01 2.60 -28.87
N LYS C 79 9.67 1.41 -29.42
CA LYS C 79 8.68 1.33 -30.48
C LYS C 79 7.29 1.72 -29.97
N ILE C 80 6.94 1.28 -28.75
CA ILE C 80 5.63 1.56 -28.17
C ILE C 80 5.43 3.04 -27.92
N PHE C 81 6.45 3.73 -27.40
CA PHE C 81 6.33 5.14 -27.04
C PHE C 81 6.54 6.11 -28.20
N LEU C 82 7.13 5.64 -29.31
CA LEU C 82 7.58 6.55 -30.37
C LEU C 82 6.49 7.51 -30.84
N ARG C 83 5.29 6.99 -31.11
CA ARG C 83 4.26 7.79 -31.75
C ARG C 83 3.59 8.77 -30.80
N LEU C 84 3.90 8.73 -29.50
CA LEU C 84 3.33 9.67 -28.57
C LEU C 84 3.98 11.05 -28.68
N TYR C 85 5.08 11.18 -29.41
CA TYR C 85 5.88 12.40 -29.50
C TYR C 85 5.65 13.11 -30.83
N ILE C 86 5.85 14.43 -30.81
CA ILE C 86 5.70 15.24 -32.01
C ILE C 86 6.72 14.80 -33.07
N SER C 87 7.97 14.61 -32.66
CA SER C 87 9.03 14.11 -33.53
C SER C 87 9.67 12.86 -32.91
N PRO C 88 10.20 11.95 -33.72
CA PRO C 88 10.78 10.71 -33.14
C PRO C 88 11.94 11.02 -32.20
N PRO C 89 11.87 10.53 -30.97
CA PRO C 89 12.98 10.74 -30.04
C PRO C 89 14.30 10.14 -30.53
N LYS C 90 15.39 10.75 -30.10
CA LYS C 90 16.73 10.23 -30.27
C LYS C 90 17.04 9.28 -29.12
N LEU C 91 18.28 8.79 -29.07
CA LEU C 91 18.61 7.80 -28.04
C LEU C 91 18.70 8.45 -26.66
N TYR C 92 19.10 9.72 -26.59
CA TYR C 92 19.13 10.44 -25.33
C TYR C 92 17.82 11.18 -25.14
N ILE C 93 17.57 11.54 -23.89
CA ILE C 93 16.37 12.26 -23.48
C ILE C 93 16.65 13.75 -23.61
N SER C 94 15.75 14.48 -24.28
CA SER C 94 15.93 15.89 -24.57
C SER C 94 14.70 16.69 -24.20
N ARG C 95 14.92 17.96 -23.82
CA ARG C 95 13.81 18.91 -23.76
C ARG C 95 13.06 19.00 -25.07
N ASN C 96 13.70 18.66 -26.17
CA ASN C 96 13.05 18.69 -27.48
C ASN C 96 12.01 17.58 -27.62
N ASP C 97 12.01 16.57 -26.74
CA ASP C 97 11.03 15.50 -26.82
C ASP C 97 9.72 16.08 -26.26
N ARG C 98 8.76 16.34 -27.13
CA ARG C 98 7.49 16.91 -26.71
C ARG C 98 6.37 15.94 -27.05
N ILE C 99 5.50 15.71 -26.09
CA ILE C 99 4.36 14.84 -26.32
C ILE C 99 3.35 15.59 -27.20
N SER C 100 2.71 14.87 -28.09
CA SER C 100 1.70 15.48 -28.95
C SER C 100 0.58 16.06 -28.12
N LYS C 101 0.02 17.17 -28.60
CA LYS C 101 -1.09 17.76 -27.87
C LYS C 101 -2.31 16.84 -27.88
N GLU C 102 -2.42 16.03 -28.92
CA GLU C 102 -3.52 15.03 -28.93
CA GLU C 102 -3.52 15.03 -28.96
C GLU C 102 -3.35 14.01 -27.81
N HIS C 103 -2.12 13.55 -27.56
CA HIS C 103 -1.95 12.58 -26.47
C HIS C 103 -2.14 13.23 -25.10
N ILE C 104 -1.73 14.50 -24.94
CA ILE C 104 -2.06 15.19 -23.69
C ILE C 104 -3.57 15.25 -23.48
N LYS C 105 -4.34 15.59 -24.52
CA LYS C 105 -5.79 15.52 -24.41
C LYS C 105 -6.25 14.12 -24.02
N GLN C 106 -5.70 13.09 -24.66
CA GLN C 106 -6.08 11.72 -24.38
C GLN C 106 -5.94 11.39 -22.89
N ILE C 107 -4.79 11.75 -22.31
CA ILE C 107 -4.55 11.31 -20.94
C ILE C 107 -5.39 12.10 -19.95
N LEU C 108 -5.63 13.38 -20.24
CA LEU C 108 -6.53 14.18 -19.40
C LEU C 108 -7.97 13.69 -19.52
N GLU C 109 -8.42 13.39 -20.74
CA GLU C 109 -9.76 12.82 -20.95
C GLU C 109 -9.93 11.48 -20.25
N ALA C 110 -8.86 10.70 -20.11
CA ALA C 110 -8.95 9.43 -19.39
C ALA C 110 -9.43 9.60 -17.95
N TYR C 111 -9.17 10.76 -17.35
CA TYR C 111 -9.59 11.06 -16.00
C TYR C 111 -10.73 12.07 -15.96
N GLY C 112 -11.34 12.36 -17.11
CA GLY C 112 -12.45 13.29 -17.16
C GLY C 112 -12.08 14.73 -16.85
N LEU C 113 -10.87 15.16 -17.22
CA LEU C 113 -10.41 16.49 -16.86
C LEU C 113 -10.47 17.51 -18.01
N GLN C 114 -11.28 17.24 -19.05
CA GLN C 114 -11.26 18.11 -20.22
C GLN C 114 -11.77 19.53 -19.92
N GLU C 115 -12.63 19.69 -18.91
CA GLU C 115 -13.17 20.98 -18.54
C GLU C 115 -12.70 21.42 -17.16
N ALA C 116 -11.63 20.79 -16.66
CA ALA C 116 -11.07 21.15 -15.37
C ALA C 116 -10.28 22.44 -15.52
N ALA C 117 -10.05 23.07 -14.38
CA ALA C 117 -9.25 24.28 -14.35
C ALA C 117 -7.83 23.97 -14.82
N PRO C 118 -7.12 24.96 -15.37
CA PRO C 118 -5.73 24.74 -15.77
C PRO C 118 -4.89 24.15 -14.66
N GLU C 119 -5.07 24.63 -13.44
CA GLU C 119 -4.22 24.11 -12.33
CA GLU C 119 -4.24 24.14 -12.30
C GLU C 119 -4.55 22.67 -11.98
N GLU C 120 -5.80 22.25 -12.20
CA GLU C 120 -6.15 20.85 -11.99
C GLU C 120 -5.51 19.98 -13.06
N GLN C 121 -5.52 20.45 -14.31
CA GLN C 121 -4.88 19.68 -15.38
C GLN C 121 -3.38 19.58 -15.16
N SER C 122 -2.73 20.70 -14.80
CA SER C 122 -1.29 20.64 -14.63
C SER C 122 -0.93 19.76 -13.43
N TYR C 123 -1.69 19.81 -12.35
CA TYR C 123 -1.48 18.90 -11.24
C TYR C 123 -1.58 17.45 -11.69
N ALA C 124 -2.59 17.12 -12.49
CA ALA C 124 -2.73 15.77 -13.01
C ALA C 124 -1.50 15.36 -13.81
N LEU C 125 -1.00 16.25 -14.67
CA LEU C 125 0.18 15.89 -15.47
C LEU C 125 1.40 15.70 -14.57
N LEU C 126 1.51 16.47 -13.49
CA LEU C 126 2.62 16.24 -12.56
C LEU C 126 2.51 14.88 -11.87
N ALA C 127 1.28 14.50 -11.48
CA ALA C 127 1.03 13.19 -10.91
C ALA C 127 1.35 12.06 -11.89
N ILE C 128 0.97 12.21 -13.16
CA ILE C 128 1.31 11.18 -14.14
C ILE C 128 2.83 11.11 -14.34
N SER C 129 3.51 12.26 -14.34
CA SER C 129 4.97 12.24 -14.38
C SER C 129 5.56 11.47 -13.21
N ALA C 130 5.11 11.78 -11.99
CA ALA C 130 5.55 11.05 -10.83
C ALA C 130 5.31 9.55 -10.98
N LEU C 131 4.15 9.15 -11.50
CA LEU C 131 3.85 7.72 -11.76
C LEU C 131 4.96 7.09 -12.61
N PHE C 132 5.41 7.76 -13.66
CA PHE C 132 6.42 7.19 -14.59
C PHE C 132 7.81 7.25 -13.91
N CYS C 133 8.05 8.21 -13.04
CA CYS C 133 9.27 8.20 -12.20
C CYS C 133 9.24 6.91 -11.38
N LYS C 134 8.11 6.58 -10.77
CA LYS C 134 8.02 5.35 -10.00
C LYS C 134 8.22 4.11 -10.86
N TYR C 135 7.56 4.05 -12.03
CA TYR C 135 7.73 2.89 -12.89
C TYR C 135 9.19 2.69 -13.27
N SER C 136 9.92 3.80 -13.47
CA SER C 136 11.30 3.74 -13.92
C SER C 136 12.29 3.44 -12.80
N SER C 137 11.80 3.40 -11.57
CA SER C 137 12.69 3.33 -10.38
C SER C 137 13.14 1.94 -9.97
N SER C 138 14.05 1.90 -9.01
CA SER C 138 14.70 0.67 -8.53
C SER C 138 13.72 -0.38 -7.96
N GLY C 139 12.58 0.07 -7.45
CA GLY C 139 11.60 -0.87 -6.87
C GLY C 139 10.72 -1.51 -7.91
N ILE C 140 10.55 -0.86 -9.05
CA ILE C 140 9.62 -1.34 -10.11
C ILE C 140 10.41 -1.85 -11.33
N PHE C 141 10.47 -1.12 -12.44
CA PHE C 141 11.08 -1.66 -13.69
C PHE C 141 12.54 -1.27 -13.86
N GLY C 142 13.06 -0.48 -12.92
CA GLY C 142 14.47 -0.12 -12.91
C GLY C 142 15.22 -0.83 -11.80
N THR C 143 16.50 -0.56 -11.71
CA THR C 143 17.37 -1.12 -10.68
C THR C 143 18.12 0.04 -10.03
N GLU C 144 19.01 -0.27 -9.09
CA GLU C 144 19.75 0.81 -8.46
C GLU C 144 20.48 1.63 -9.50
N GLU C 145 21.15 0.95 -10.43
CA GLU C 145 22.04 1.59 -11.36
C GLU C 145 21.46 1.87 -12.74
N ASN C 146 20.32 1.26 -13.11
CA ASN C 146 19.81 1.37 -14.47
C ASN C 146 18.32 1.67 -14.42
N SER C 147 17.84 2.35 -15.47
CA SER C 147 16.43 2.81 -15.50
C SER C 147 15.97 2.88 -16.94
N PRO C 148 14.77 2.38 -17.26
CA PRO C 148 14.30 2.35 -18.65
C PRO C 148 14.14 3.76 -19.20
N PRO C 149 14.90 4.13 -20.24
CA PRO C 149 14.85 5.53 -20.68
C PRO C 149 13.52 6.00 -21.22
N GLU C 150 12.72 5.14 -21.85
CA GLU C 150 11.44 5.62 -22.39
C GLU C 150 10.50 6.02 -21.27
N LEU C 151 10.58 5.33 -20.11
CA LEU C 151 9.72 5.71 -18.99
C LEU C 151 10.13 7.05 -18.43
N ARG C 152 11.45 7.28 -18.36
CA ARG C 152 11.97 8.57 -17.91
C ARG C 152 11.64 9.66 -18.89
N ARG C 153 11.79 9.38 -20.20
CA ARG C 153 11.51 10.39 -21.22
C ARG C 153 10.07 10.86 -21.14
N TYR C 154 9.14 9.92 -20.94
CA TYR C 154 7.74 10.29 -20.85
C TYR C 154 7.49 11.18 -19.65
N ALA C 155 8.01 10.79 -18.49
CA ALA C 155 7.90 11.64 -17.30
C ALA C 155 8.51 13.04 -17.55
N CYS C 156 9.68 13.10 -18.20
CA CYS C 156 10.36 14.36 -18.48
C CYS C 156 9.54 15.24 -19.41
N SER C 157 8.98 14.63 -20.45
CA SER C 157 8.20 15.40 -21.41
C SER C 157 6.90 15.89 -20.80
N LEU C 158 6.28 15.13 -19.91
CA LEU C 158 5.10 15.65 -19.23
C LEU C 158 5.42 16.90 -18.41
N LEU C 159 6.61 16.97 -17.86
CA LEU C 159 7.00 18.09 -17.04
C LEU C 159 7.15 19.35 -17.88
N SER C 160 7.45 19.22 -19.17
CA SER C 160 7.45 20.42 -20.01
C SER C 160 6.05 21.00 -20.14
N GLU C 161 5.03 20.13 -20.15
CA GLU C 161 3.67 20.64 -20.17
C GLU C 161 3.30 21.32 -18.86
N VAL C 162 3.68 20.71 -17.71
CA VAL C 162 3.46 21.34 -16.42
C VAL C 162 4.12 22.72 -16.42
N GLY C 163 5.36 22.79 -16.87
CA GLY C 163 6.05 24.09 -16.88
C GLY C 163 5.35 25.13 -17.73
N ASP C 164 4.83 24.74 -18.89
CA ASP C 164 4.14 25.68 -19.77
C ASP C 164 2.84 26.15 -19.14
N MET C 165 2.13 25.25 -18.45
CA MET C 165 0.80 25.53 -17.94
C MET C 165 0.88 26.25 -16.61
N ARG C 166 1.99 26.05 -15.88
CA ARG C 166 2.19 26.53 -14.52
C ARG C 166 1.36 25.73 -13.52
N LEU C 167 1.84 25.70 -12.28
CA LEU C 167 1.16 25.02 -11.19
C LEU C 167 1.63 25.72 -9.91
N GLU C 168 0.70 26.32 -9.20
CA GLU C 168 1.09 27.05 -8.00
C GLU C 168 1.72 26.10 -6.99
N GLY C 169 2.82 26.55 -6.40
CA GLY C 169 3.58 25.72 -5.49
C GLY C 169 4.75 25.01 -6.12
N VAL C 170 4.86 25.03 -7.45
CA VAL C 170 5.97 24.42 -8.18
C VAL C 170 6.62 25.52 -8.99
N SER C 171 7.91 25.76 -8.75
CA SER C 171 8.62 26.79 -9.48
C SER C 171 9.18 26.26 -10.80
N GLN C 172 9.54 27.21 -11.67
CA GLN C 172 10.14 26.78 -12.93
CA GLN C 172 10.13 26.81 -12.97
C GLN C 172 11.45 26.09 -12.61
N ASN C 173 12.14 26.59 -11.59
CA ASN C 173 13.41 26.02 -11.23
C ASN C 173 13.28 24.58 -10.80
N GLU C 174 12.22 24.27 -10.06
CA GLU C 174 11.96 22.89 -9.66
C GLU C 174 11.67 22.01 -10.87
N ILE C 175 10.94 22.51 -11.86
CA ILE C 175 10.67 21.71 -13.08
C ILE C 175 12.00 21.41 -13.78
N VAL C 176 12.85 22.41 -13.89
CA VAL C 176 14.16 22.25 -14.57
C VAL C 176 14.98 21.21 -13.80
N ASP C 177 14.97 21.31 -12.49
CA ASP C 177 15.71 20.31 -11.67
CA ASP C 177 15.71 20.31 -11.67
C ASP C 177 15.21 18.86 -11.91
N TYR C 178 13.89 18.69 -11.88
CA TYR C 178 13.29 17.36 -12.10
C TYR C 178 13.67 16.83 -13.49
N GLN C 179 13.58 17.68 -14.50
CA GLN C 179 13.90 17.29 -15.89
C GLN C 179 15.40 17.02 -16.01
N ASN C 180 16.24 17.78 -15.33
CA ASN C 180 17.67 17.53 -15.37
C ASN C 180 17.99 16.16 -14.80
N ARG C 181 17.33 15.79 -13.71
CA ARG C 181 17.55 14.48 -13.11
C ARG C 181 17.04 13.37 -14.03
N LEU C 182 15.85 13.54 -14.61
CA LEU C 182 15.31 12.49 -15.46
C LEU C 182 16.17 12.24 -16.70
N ARG C 183 16.67 13.29 -17.35
CA ARG C 183 17.37 13.17 -18.65
C ARG C 183 18.87 12.90 -18.47
N GLY C 184 19.36 13.02 -17.24
CA GLY C 184 20.78 12.79 -16.94
C GLY C 184 21.66 13.98 -17.30
N ALA C 185 21.20 15.18 -17.00
CA ALA C 185 22.00 16.40 -17.23
C ALA C 185 23.28 16.29 -16.40
N LYS C 186 24.30 17.02 -16.82
CA LYS C 186 25.59 16.96 -16.10
C LYS C 186 25.39 17.34 -14.62
N ASN C 187 25.92 16.53 -13.72
CA ASN C 187 25.95 16.81 -12.26
C ASN C 187 24.62 16.47 -11.57
N ALA C 188 23.59 16.10 -12.32
CA ALA C 188 22.26 15.86 -11.71
C ALA C 188 22.21 14.47 -11.08
N PHE C 189 21.57 14.36 -9.92
CA PHE C 189 21.35 13.07 -9.23
C PHE C 189 20.22 12.37 -10.00
N THR C 190 20.54 11.31 -10.73
CA THR C 190 19.57 10.70 -11.68
C THR C 190 18.59 9.74 -11.02
N CYS C 191 18.86 9.25 -9.83
CA CYS C 191 18.01 8.21 -9.23
C CYS C 191 16.53 8.56 -9.22
N THR C 192 15.72 7.73 -9.89
CA THR C 192 14.31 8.08 -9.95
C THR C 192 13.49 7.59 -8.76
N ALA C 193 13.99 6.66 -7.94
CA ALA C 193 13.28 6.37 -6.70
C ALA C 193 13.21 7.61 -5.80
N VAL C 194 14.33 8.33 -5.70
CA VAL C 194 14.38 9.56 -4.93
C VAL C 194 13.53 10.66 -5.58
N LEU C 195 13.66 10.81 -6.91
CA LEU C 195 12.86 11.82 -7.60
C LEU C 195 11.38 11.56 -7.41
N PHE C 196 10.95 10.30 -7.47
CA PHE C 196 9.55 10.02 -7.18
C PHE C 196 9.16 10.48 -5.79
N SER C 197 9.97 10.16 -4.79
CA SER C 197 9.63 10.58 -3.43
C SER C 197 9.52 12.08 -3.34
N THR C 198 10.39 12.81 -4.02
CA THR C 198 10.38 14.28 -3.98
C THR C 198 9.14 14.83 -4.65
N ILE C 199 8.78 14.32 -5.84
CA ILE C 199 7.59 14.84 -6.48
C ILE C 199 6.35 14.43 -5.70
N GLN C 200 6.34 13.21 -5.15
CA GLN C 200 5.22 12.78 -4.34
C GLN C 200 5.03 13.71 -3.14
N LYS C 201 6.10 14.06 -2.45
CA LYS C 201 6.00 15.02 -1.34
C LYS C 201 5.39 16.35 -1.82
N LYS C 202 5.81 16.86 -2.99
CA LYS C 202 5.25 18.08 -3.55
C LYS C 202 3.75 17.89 -3.83
N LEU C 203 3.37 16.77 -4.46
CA LEU C 203 1.96 16.56 -4.74
C LEU C 203 1.12 16.54 -3.47
N GLN C 204 1.66 15.95 -2.40
CA GLN C 204 0.94 15.87 -1.14
C GLN C 204 0.84 17.25 -0.48
N LEU C 205 1.91 18.04 -0.53
CA LEU C 205 1.84 19.40 -0.01
C LEU C 205 0.76 20.21 -0.72
N LEU C 206 0.67 20.04 -2.04
CA LEU C 206 -0.27 20.85 -2.80
C LEU C 206 -1.71 20.42 -2.59
N HIS C 207 -1.98 19.17 -2.23
CA HIS C 207 -3.35 18.73 -2.03
C HIS C 207 -3.78 18.78 -0.56
N LYS C 208 -2.88 19.23 0.33
CA LYS C 208 -3.13 19.23 1.77
C LYS C 208 -4.50 19.79 2.13
N ASP C 209 -4.85 20.94 1.55
CA ASP C 209 -6.10 21.60 1.91
C ASP C 209 -6.96 21.85 0.68
N GLN C 210 -6.80 21.00 -0.34
CA GLN C 210 -7.46 21.14 -1.63
C GLN C 210 -8.09 19.82 -1.98
N LYS C 211 -9.38 19.68 -1.69
CA LYS C 211 -10.08 18.43 -1.94
C LYS C 211 -10.12 18.10 -3.42
N ASN C 212 -10.07 19.12 -4.29
CA ASN C 212 -10.12 18.83 -5.72
C ASN C 212 -8.81 18.17 -6.19
N LEU C 213 -7.68 18.65 -5.68
CA LEU C 213 -6.41 18.05 -6.06
C LEU C 213 -6.22 16.70 -5.38
N LYS C 214 -6.67 16.54 -4.14
CA LYS C 214 -6.63 15.23 -3.51
C LYS C 214 -7.43 14.21 -4.31
N LYS C 215 -8.59 14.61 -4.83
CA LYS C 215 -9.37 13.69 -5.66
CA LYS C 215 -9.37 13.65 -5.66
C LYS C 215 -8.55 13.21 -6.90
N ILE C 216 -7.89 14.18 -7.53
CA ILE C 216 -7.08 13.85 -8.71
C ILE C 216 -5.92 12.94 -8.34
N TYR C 217 -5.22 13.27 -7.26
CA TYR C 217 -4.13 12.41 -6.79
C TYR C 217 -4.59 11.00 -6.57
N ASP C 218 -5.72 10.84 -5.89
CA ASP C 218 -6.23 9.51 -5.62
C ASP C 218 -6.69 8.79 -6.87
N GLN C 219 -7.01 9.53 -7.93
CA GLN C 219 -7.33 8.90 -9.20
C GLN C 219 -6.10 8.33 -9.90
N ILE C 220 -4.97 9.00 -9.78
CA ILE C 220 -3.77 8.67 -10.60
C ILE C 220 -2.77 7.77 -9.86
N ILE C 221 -2.45 8.08 -8.61
CA ILE C 221 -1.38 7.33 -7.91
C ILE C 221 -1.95 6.02 -7.36
N PRO C 222 -1.43 4.85 -7.74
CA PRO C 222 -1.92 3.59 -7.20
C PRO C 222 -1.86 3.58 -5.67
N LEU C 223 -2.85 2.95 -5.06
CA LEU C 223 -2.95 2.87 -3.58
C LEU C 223 -1.63 2.40 -2.99
N VAL C 224 -1.06 1.35 -3.53
CA VAL C 224 0.16 0.78 -2.94
C VAL C 224 1.32 1.75 -3.00
N TRP C 225 1.26 2.74 -3.88
CA TRP C 225 2.38 3.69 -4.07
C TRP C 225 2.10 5.04 -3.42
N GLN C 226 0.98 5.18 -2.70
CA GLN C 226 0.62 6.42 -1.98
C GLN C 226 1.38 6.51 -0.64
N GLU D 11 -6.80 -9.99 -13.11
CA GLU D 11 -8.11 -10.02 -12.44
C GLU D 11 -7.99 -9.77 -10.94
N VAL D 12 -6.85 -10.10 -10.34
CA VAL D 12 -6.61 -9.87 -8.89
C VAL D 12 -6.76 -8.37 -8.63
N LEU D 13 -6.20 -7.54 -9.50
CA LEU D 13 -6.29 -6.06 -9.38
C LEU D 13 -7.75 -5.65 -9.50
N PHE D 14 -8.43 -6.12 -10.53
CA PHE D 14 -9.81 -5.66 -10.79
C PHE D 14 -10.78 -6.17 -9.73
N GLN D 15 -10.47 -7.27 -9.05
CA GLN D 15 -11.41 -7.91 -8.10
C GLN D 15 -11.11 -7.50 -6.66
N GLY D 16 -10.08 -6.70 -6.42
CA GLY D 16 -9.70 -6.27 -5.07
C GLY D 16 -10.90 -5.70 -4.35
N PRO D 17 -11.47 -4.60 -4.84
CA PRO D 17 -12.60 -3.96 -4.13
C PRO D 17 -13.81 -4.89 -3.96
N GLN D 18 -14.10 -5.71 -4.96
CA GLN D 18 -15.28 -6.61 -4.90
C GLN D 18 -15.03 -7.71 -3.85
N ASN D 19 -13.79 -8.15 -3.70
CA ASN D 19 -13.45 -9.25 -2.77
C ASN D 19 -13.72 -8.79 -1.33
N ILE D 20 -13.13 -7.69 -0.92
CA ILE D 20 -13.33 -7.20 0.45
C ILE D 20 -14.79 -6.83 0.66
N SER D 21 -15.41 -6.21 -0.34
CA SER D 21 -16.81 -5.83 -0.21
C SER D 21 -17.71 -7.04 0.02
N ASN D 22 -17.48 -8.12 -0.76
CA ASN D 22 -18.30 -9.31 -0.59
C ASN D 22 -18.15 -9.92 0.81
N LEU D 23 -16.93 -9.94 1.35
CA LEU D 23 -16.76 -10.45 2.70
C LEU D 23 -17.54 -9.60 3.70
N LEU D 24 -17.36 -8.28 3.63
CA LEU D 24 -18.00 -7.38 4.59
C LEU D 24 -19.51 -7.40 4.47
N ASP D 25 -20.05 -7.66 3.27
CA ASP D 25 -21.50 -7.81 3.16
C ASP D 25 -21.99 -8.97 4.00
N GLN D 26 -21.22 -10.05 4.09
CA GLN D 26 -21.59 -11.18 4.98
C GLN D 26 -21.45 -10.80 6.46
N ILE D 27 -20.29 -10.27 6.85
CA ILE D 27 -20.07 -9.97 8.25
C ILE D 27 -21.05 -8.93 8.77
N PHE D 28 -21.37 -7.93 7.96
CA PHE D 28 -22.25 -6.83 8.32
C PHE D 28 -23.67 -7.00 7.78
N GLN D 29 -24.10 -8.24 7.54
CA GLN D 29 -25.43 -8.47 7.01
C GLN D 29 -26.53 -7.99 7.94
N HIS D 30 -26.26 -7.87 9.24
CA HIS D 30 -27.25 -7.40 10.20
C HIS D 30 -27.13 -5.93 10.53
N ASP D 31 -26.30 -5.19 9.78
CA ASP D 31 -26.21 -3.75 9.93
C ASP D 31 -27.30 -3.12 9.07
N GLU D 32 -28.47 -2.93 9.67
CA GLU D 32 -29.64 -2.48 8.93
C GLU D 32 -29.48 -1.06 8.43
N GLN D 33 -28.83 -0.19 9.22
CA GLN D 33 -28.61 1.19 8.81
CA GLN D 33 -28.62 1.23 8.81
C GLN D 33 -27.52 1.25 7.72
N GLY D 34 -26.53 0.38 7.82
CA GLY D 34 -25.54 0.21 6.78
C GLY D 34 -24.30 1.10 6.85
N ALA D 35 -24.21 1.97 7.84
CA ALA D 35 -23.10 2.91 7.90
C ALA D 35 -21.80 2.24 8.37
N TYR D 36 -21.89 1.29 9.29
CA TYR D 36 -20.67 0.54 9.64
C TYR D 36 -20.19 -0.30 8.46
N ARG D 37 -21.13 -0.94 7.74
CA ARG D 37 -20.75 -1.76 6.60
C ARG D 37 -19.95 -0.92 5.60
N THR D 38 -20.43 0.30 5.32
CA THR D 38 -19.74 1.18 4.38
C THR D 38 -18.38 1.60 4.94
N LEU D 39 -18.35 1.95 6.22
CA LEU D 39 -17.12 2.40 6.85
C LEU D 39 -16.02 1.35 6.75
N PHE D 40 -16.36 0.08 7.03
CA PHE D 40 -15.36 -0.97 7.00
C PHE D 40 -14.83 -1.21 5.59
N LYS D 41 -15.66 -0.94 4.58
CA LYS D 41 -15.18 -1.06 3.20
C LYS D 41 -14.29 0.12 2.80
N GLU D 42 -14.69 1.33 3.15
CA GLU D 42 -13.98 2.53 2.70
C GLU D 42 -12.60 2.64 3.36
N VAL D 43 -12.49 2.21 4.62
CA VAL D 43 -11.25 2.45 5.35
C VAL D 43 -10.09 1.65 4.77
N VAL D 44 -10.34 0.62 3.98
CA VAL D 44 -9.24 -0.23 3.53
C VAL D 44 -8.35 0.46 2.52
N ARG D 45 -8.76 1.62 2.01
CA ARG D 45 -7.89 2.43 1.19
C ARG D 45 -6.91 3.27 1.99
N LYS D 46 -6.99 3.26 3.33
CA LYS D 46 -6.27 4.20 4.17
C LYS D 46 -5.21 3.45 4.98
N LYS D 47 -4.07 4.12 5.18
CA LYS D 47 -3.02 3.61 6.05
C LYS D 47 -3.46 3.69 7.51
N ASP D 48 -4.22 4.71 7.87
CA ASP D 48 -4.74 4.91 9.21
C ASP D 48 -5.96 5.82 9.12
N THR D 49 -6.66 5.95 10.25
CA THR D 49 -7.85 6.79 10.31
C THR D 49 -8.03 7.32 11.73
N ASN D 50 -8.58 8.53 11.83
CA ASN D 50 -8.89 9.13 13.12
C ASN D 50 -10.27 8.72 13.63
N ARG D 51 -11.07 8.02 12.82
CA ARG D 51 -12.37 7.52 13.26
C ARG D 51 -12.15 6.24 14.06
N LYS D 52 -12.46 6.30 15.35
CA LYS D 52 -12.24 5.20 16.27
C LYS D 52 -13.58 4.68 16.74
N LEU D 53 -13.72 3.36 16.89
CA LEU D 53 -14.98 2.73 17.25
C LEU D 53 -15.03 2.26 18.69
N THR D 54 -14.13 2.77 19.52
CA THR D 54 -14.01 2.33 20.91
C THR D 54 -15.07 2.91 21.82
N GLY D 55 -15.71 4.02 21.42
CA GLY D 55 -16.67 4.69 22.28
C GLY D 55 -16.07 5.38 23.49
N ILE D 56 -14.75 5.61 23.49
CA ILE D 56 -14.00 6.10 24.65
C ILE D 56 -13.29 7.38 24.24
N LYS D 57 -13.55 8.47 24.94
CA LYS D 57 -12.90 9.78 24.68
C LYS D 57 -11.47 9.71 25.19
N GLU D 58 -10.51 10.14 24.38
CA GLU D 58 -9.08 10.04 24.74
C GLU D 58 -8.26 11.18 24.15
N PRO D 66 -7.64 15.32 16.91
CA PRO D 66 -8.45 14.52 17.81
C PRO D 66 -9.14 13.33 17.14
N TYR D 67 -9.43 12.30 17.91
CA TYR D 67 -10.14 11.11 17.39
C TYR D 67 -11.62 11.43 17.19
N SER D 68 -12.25 10.88 16.16
CA SER D 68 -13.70 11.00 15.94
C SER D 68 -14.35 9.83 16.67
N ILE D 69 -14.99 10.12 17.77
CA ILE D 69 -15.57 9.10 18.65
C ILE D 69 -17.08 9.21 18.61
N ASP D 70 -17.74 8.06 18.78
CA ASP D 70 -19.20 7.98 18.89
C ASP D 70 -19.48 7.01 20.04
N GLU D 71 -20.07 7.52 21.12
CA GLU D 71 -20.29 6.68 22.28
C GLU D 71 -21.30 5.57 22.04
N THR D 72 -22.05 5.59 20.94
CA THR D 72 -22.93 4.48 20.64
C THR D 72 -22.25 3.35 19.87
N ASP D 73 -21.02 3.53 19.39
CA ASP D 73 -20.36 2.48 18.62
C ASP D 73 -20.31 1.12 19.34
N PRO D 74 -19.92 1.07 20.62
CA PRO D 74 -19.84 -0.25 21.27
C PRO D 74 -21.14 -1.02 21.30
N GLU D 75 -22.27 -0.36 21.61
CA GLU D 75 -23.52 -1.07 21.61
C GLU D 75 -23.95 -1.50 20.21
N LYS D 76 -23.75 -0.62 19.24
CA LYS D 76 -24.19 -0.94 17.88
C LYS D 76 -23.37 -2.09 17.30
N LEU D 77 -22.07 -2.12 17.56
CA LEU D 77 -21.27 -3.23 17.07
C LEU D 77 -21.66 -4.54 17.77
N LYS D 78 -21.93 -4.50 19.08
CA LYS D 78 -22.39 -5.70 19.77
C LYS D 78 -23.62 -6.27 19.06
N LYS D 79 -24.56 -5.36 18.70
CA LYS D 79 -25.82 -5.77 18.10
C LYS D 79 -25.62 -6.31 16.69
N ILE D 80 -24.68 -5.73 15.94
CA ILE D 80 -24.43 -6.16 14.56
C ILE D 80 -23.80 -7.55 14.53
N PHE D 81 -22.89 -7.82 15.47
CA PHE D 81 -22.18 -9.08 15.47
C PHE D 81 -22.87 -10.20 16.24
N LEU D 82 -23.88 -9.88 17.06
CA LEU D 82 -24.47 -10.87 17.96
C LEU D 82 -24.92 -12.14 17.23
N ARG D 83 -25.60 -11.99 16.10
CA ARG D 83 -26.23 -13.14 15.46
C ARG D 83 -25.25 -14.03 14.73
N LEU D 84 -23.99 -13.64 14.61
CA LEU D 84 -23.03 -14.49 13.95
C LEU D 84 -22.53 -15.64 14.84
N TYR D 85 -22.85 -15.63 16.15
CA TYR D 85 -22.39 -16.60 17.12
C TYR D 85 -23.47 -17.64 17.41
N ILE D 86 -23.01 -18.84 17.78
CA ILE D 86 -23.92 -19.93 18.14
C ILE D 86 -24.73 -19.56 19.38
N SER D 87 -24.05 -19.05 20.42
CA SER D 87 -24.66 -18.55 21.63
C SER D 87 -24.31 -17.07 21.79
N PRO D 88 -25.19 -16.27 22.37
CA PRO D 88 -24.88 -14.84 22.55
C PRO D 88 -23.63 -14.67 23.41
N PRO D 89 -22.66 -13.88 22.95
CA PRO D 89 -21.44 -13.71 23.74
C PRO D 89 -21.71 -12.95 25.02
N LYS D 90 -20.80 -13.10 25.96
CA LYS D 90 -20.79 -12.30 27.18
C LYS D 90 -19.99 -11.02 26.92
N LEU D 91 -19.84 -10.19 27.94
CA LEU D 91 -19.15 -8.92 27.78
C LEU D 91 -17.68 -9.13 27.49
N TYR D 92 -17.07 -10.14 28.06
CA TYR D 92 -15.68 -10.42 27.81
C TYR D 92 -15.57 -11.42 26.66
N ILE D 93 -14.37 -11.52 26.12
CA ILE D 93 -14.09 -12.37 24.97
C ILE D 93 -13.66 -13.74 25.47
N SER D 94 -14.28 -14.79 24.92
CA SER D 94 -14.05 -16.16 25.33
C SER D 94 -13.68 -17.06 24.16
N ARG D 95 -12.69 -17.94 24.39
CA ARG D 95 -12.36 -18.98 23.44
C ARG D 95 -13.50 -19.99 23.28
N ASN D 96 -14.52 -19.91 24.12
CA ASN D 96 -15.74 -20.68 23.90
C ASN D 96 -16.81 -19.91 23.10
N ASP D 97 -16.54 -18.68 22.68
CA ASP D 97 -17.44 -17.95 21.74
C ASP D 97 -17.19 -18.60 20.37
N ARG D 98 -18.21 -19.17 19.76
CA ARG D 98 -18.05 -19.88 18.47
C ARG D 98 -18.95 -19.25 17.41
N ILE D 99 -18.39 -18.98 16.25
CA ILE D 99 -19.17 -18.50 15.12
C ILE D 99 -20.00 -19.65 14.57
N SER D 100 -21.19 -19.35 14.09
CA SER D 100 -22.02 -20.40 13.50
C SER D 100 -21.32 -21.02 12.30
N LYS D 101 -21.49 -22.34 12.15
CA LYS D 101 -20.88 -23.02 11.02
C LYS D 101 -21.42 -22.46 9.71
N GLU D 102 -22.68 -22.03 9.73
CA GLU D 102 -23.27 -21.40 8.56
C GLU D 102 -22.52 -20.14 8.16
N HIS D 103 -22.19 -19.29 9.14
CA HIS D 103 -21.49 -18.06 8.79
C HIS D 103 -20.09 -18.35 8.28
N ILE D 104 -19.41 -19.36 8.85
CA ILE D 104 -18.12 -19.77 8.31
C ILE D 104 -18.27 -20.17 6.84
N LYS D 105 -19.33 -20.92 6.53
CA LYS D 105 -19.54 -21.32 5.14
C LYS D 105 -19.75 -20.10 4.27
N GLN D 106 -20.52 -19.13 4.77
CA GLN D 106 -20.80 -17.92 4.03
C GLN D 106 -19.54 -17.15 3.69
N ILE D 107 -18.68 -16.93 4.70
CA ILE D 107 -17.48 -16.15 4.42
C ILE D 107 -16.54 -16.90 3.47
N LEU D 108 -16.53 -18.25 3.52
CA LEU D 108 -15.75 -19.01 2.56
C LEU D 108 -16.36 -18.93 1.17
N GLU D 109 -17.68 -19.01 1.11
CA GLU D 109 -18.39 -18.87 -0.21
C GLU D 109 -18.12 -17.48 -0.82
N ALA D 110 -18.05 -16.45 0.02
CA ALA D 110 -17.74 -15.12 -0.48
C ALA D 110 -16.46 -15.10 -1.29
N TYR D 111 -15.54 -16.03 -1.01
CA TYR D 111 -14.26 -16.08 -1.71
C TYR D 111 -14.17 -17.25 -2.69
N GLY D 112 -15.27 -17.96 -2.93
CA GLY D 112 -15.23 -19.14 -3.78
C GLY D 112 -14.41 -20.27 -3.22
N LEU D 113 -14.48 -20.49 -1.90
CA LEU D 113 -13.72 -21.54 -1.23
C LEU D 113 -14.62 -22.54 -0.53
N GLN D 114 -15.92 -22.60 -0.91
CA GLN D 114 -16.86 -23.48 -0.24
C GLN D 114 -16.36 -24.92 -0.24
N GLU D 115 -15.82 -25.36 -1.38
CA GLU D 115 -15.39 -26.74 -1.59
C GLU D 115 -13.90 -26.83 -1.86
N ALA D 116 -13.14 -25.80 -1.51
CA ALA D 116 -11.69 -25.89 -1.59
C ALA D 116 -11.17 -26.83 -0.51
N ALA D 117 -9.88 -27.13 -0.60
CA ALA D 117 -9.27 -28.04 0.36
C ALA D 117 -9.29 -27.43 1.76
N PRO D 118 -9.31 -28.27 2.80
CA PRO D 118 -9.29 -27.73 4.16
C PRO D 118 -8.07 -26.86 4.46
N GLU D 119 -6.92 -27.20 3.89
CA GLU D 119 -5.73 -26.40 4.11
C GLU D 119 -5.86 -25.00 3.51
N GLU D 120 -6.63 -24.86 2.43
CA GLU D 120 -6.87 -23.55 1.86
C GLU D 120 -7.94 -22.79 2.64
N GLN D 121 -8.99 -23.49 3.07
CA GLN D 121 -10.02 -22.86 3.87
C GLN D 121 -9.45 -22.35 5.20
N SER D 122 -8.62 -23.18 5.85
CA SER D 122 -8.06 -22.78 7.14
C SER D 122 -7.13 -21.59 6.98
N TYR D 123 -6.36 -21.54 5.89
CA TYR D 123 -5.53 -20.38 5.62
C TYR D 123 -6.40 -19.13 5.44
N ALA D 124 -7.51 -19.26 4.72
CA ALA D 124 -8.39 -18.12 4.51
C ALA D 124 -8.92 -17.59 5.84
N LEU D 125 -9.33 -18.49 6.74
CA LEU D 125 -9.85 -18.04 8.04
C LEU D 125 -8.77 -17.35 8.85
N LEU D 126 -7.52 -17.81 8.76
CA LEU D 126 -6.45 -17.11 9.47
C LEU D 126 -6.28 -15.71 8.92
N ALA D 127 -6.39 -15.57 7.58
CA ALA D 127 -6.25 -14.28 6.95
C ALA D 127 -7.36 -13.33 7.36
N ILE D 128 -8.60 -13.82 7.42
CA ILE D 128 -9.73 -12.98 7.85
C ILE D 128 -9.55 -12.61 9.32
N SER D 129 -9.04 -13.54 10.14
CA SER D 129 -8.73 -13.19 11.53
C SER D 129 -7.73 -12.06 11.59
N ALA D 130 -6.63 -12.17 10.83
CA ALA D 130 -5.65 -11.11 10.76
C ALA D 130 -6.29 -9.78 10.36
N LEU D 131 -7.18 -9.82 9.36
CA LEU D 131 -7.86 -8.60 8.92
C LEU D 131 -8.60 -7.92 10.07
N PHE D 132 -9.26 -8.70 10.92
CA PHE D 132 -9.97 -8.12 12.07
C PHE D 132 -9.04 -7.68 13.18
N CYS D 133 -7.89 -8.33 13.34
CA CYS D 133 -6.85 -7.75 14.19
C CYS D 133 -6.46 -6.37 13.71
N LYS D 134 -6.27 -6.21 12.40
CA LYS D 134 -5.92 -4.89 11.86
C LYS D 134 -7.04 -3.89 12.09
N TYR D 135 -8.29 -4.26 11.75
CA TYR D 135 -9.40 -3.36 12.01
C TYR D 135 -9.44 -2.90 13.47
N SER D 136 -9.13 -3.82 14.40
CA SER D 136 -9.22 -3.49 15.82
C SER D 136 -8.03 -2.70 16.36
N SER D 137 -7.00 -2.48 15.54
CA SER D 137 -5.71 -2.00 15.99
C SER D 137 -5.65 -0.47 16.03
N SER D 138 -4.54 0.04 16.62
CA SER D 138 -4.30 1.49 16.84
C SER D 138 -4.32 2.36 15.58
N GLY D 139 -4.00 1.80 14.43
CA GLY D 139 -3.98 2.57 13.17
C GLY D 139 -5.36 2.72 12.57
N ILE D 140 -6.26 1.79 12.88
CA ILE D 140 -7.61 1.78 12.25
C ILE D 140 -8.68 2.16 13.27
N PHE D 141 -9.50 1.24 13.78
CA PHE D 141 -10.65 1.61 14.64
C PHE D 141 -10.33 1.53 16.12
N GLY D 142 -9.11 1.16 16.48
CA GLY D 142 -8.66 1.17 17.88
C GLY D 142 -7.64 2.26 18.14
N THR D 143 -7.16 2.36 19.37
CA THR D 143 -6.13 3.35 19.77
C THR D 143 -4.97 2.59 20.42
N GLU D 144 -3.93 3.29 20.86
CA GLU D 144 -2.87 2.59 21.59
C GLU D 144 -3.44 1.78 22.75
N GLU D 145 -4.35 2.38 23.51
CA GLU D 145 -4.79 1.76 24.75
C GLU D 145 -6.16 1.07 24.71
N ASN D 146 -6.96 1.29 23.67
CA ASN D 146 -8.29 0.74 23.60
C ASN D 146 -8.55 0.12 22.24
N SER D 147 -9.46 -0.84 22.20
CA SER D 147 -9.66 -1.61 20.98
C SER D 147 -11.09 -2.17 20.96
N PRO D 148 -11.85 -2.04 19.88
CA PRO D 148 -13.25 -2.51 19.90
C PRO D 148 -13.39 -4.00 20.13
N PRO D 149 -14.02 -4.42 21.23
CA PRO D 149 -14.03 -5.83 21.54
C PRO D 149 -14.72 -6.72 20.53
N GLU D 150 -15.77 -6.26 19.85
CA GLU D 150 -16.41 -7.17 18.90
C GLU D 150 -15.51 -7.50 17.72
N LEU D 151 -14.61 -6.61 17.34
CA LEU D 151 -13.69 -6.93 16.26
C LEU D 151 -12.68 -7.96 16.70
N ARG D 152 -12.19 -7.82 17.94
CA ARG D 152 -11.30 -8.81 18.50
C ARG D 152 -11.97 -10.16 18.72
N ARG D 153 -13.23 -10.13 19.17
CA ARG D 153 -13.99 -11.35 19.40
C ARG D 153 -14.11 -12.14 18.10
N TYR D 154 -14.44 -11.44 17.02
CA TYR D 154 -14.59 -12.10 15.73
C TYR D 154 -13.28 -12.76 15.30
N ALA D 155 -12.17 -12.04 15.39
CA ALA D 155 -10.86 -12.62 15.09
C ALA D 155 -10.57 -13.82 15.98
N CYS D 156 -10.89 -13.72 17.28
CA CYS D 156 -10.62 -14.81 18.20
C CYS D 156 -11.40 -16.07 17.82
N SER D 157 -12.70 -15.91 17.56
CA SER D 157 -13.55 -17.04 17.19
C SER D 157 -13.16 -17.64 15.86
N LEU D 158 -12.68 -16.84 14.92
CA LEU D 158 -12.19 -17.46 13.68
C LEU D 158 -10.99 -18.34 13.95
N LEU D 159 -10.15 -17.96 14.90
CA LEU D 159 -8.95 -18.75 15.23
C LEU D 159 -9.34 -20.11 15.81
N SER D 160 -10.49 -20.20 16.48
CA SER D 160 -10.96 -21.51 16.95
C SER D 160 -11.23 -22.43 15.76
N GLU D 161 -11.76 -21.89 14.67
CA GLU D 161 -11.95 -22.70 13.47
C GLU D 161 -10.61 -23.12 12.87
N VAL D 162 -9.64 -22.20 12.83
CA VAL D 162 -8.33 -22.53 12.33
C VAL D 162 -7.72 -23.67 13.13
N GLY D 163 -7.85 -23.59 14.46
CA GLY D 163 -7.32 -24.64 15.32
C GLY D 163 -7.95 -26.00 15.07
N ASP D 164 -9.25 -26.02 14.81
CA ASP D 164 -10.01 -27.28 14.57
C ASP D 164 -9.62 -27.87 13.22
N MET D 165 -9.38 -27.04 12.21
CA MET D 165 -9.04 -27.51 10.84
C MET D 165 -7.56 -27.80 10.77
N ARG D 166 -6.76 -27.14 11.60
CA ARG D 166 -5.31 -27.25 11.59
C ARG D 166 -4.77 -26.53 10.35
N LEU D 167 -3.53 -26.11 10.37
CA LEU D 167 -2.87 -25.36 9.29
C LEU D 167 -1.37 -25.60 9.43
N GLU D 168 -0.75 -26.16 8.42
CA GLU D 168 0.71 -26.39 8.43
C GLU D 168 1.43 -25.07 8.70
N GLY D 169 2.35 -25.04 9.64
CA GLY D 169 3.17 -23.85 9.90
C GLY D 169 2.64 -23.08 11.06
N VAL D 170 1.48 -23.48 11.57
CA VAL D 170 0.86 -22.82 12.74
C VAL D 170 0.54 -23.95 13.73
N SER D 171 1.04 -23.82 14.95
CA SER D 171 0.81 -24.83 16.01
C SER D 171 -0.39 -24.43 16.84
N GLN D 172 -0.93 -25.38 17.60
CA GLN D 172 -2.09 -25.11 18.49
C GLN D 172 -1.66 -24.11 19.56
N ASN D 173 -0.41 -24.16 20.02
CA ASN D 173 0.11 -23.23 21.04
C ASN D 173 0.12 -21.80 20.49
N GLU D 174 0.46 -21.64 19.22
CA GLU D 174 0.48 -20.31 18.56
C GLU D 174 -0.95 -19.80 18.45
N ILE D 175 -1.88 -20.66 18.07
CA ILE D 175 -3.30 -20.27 17.99
C ILE D 175 -3.77 -19.77 19.35
N VAL D 176 -3.47 -20.54 20.40
CA VAL D 176 -3.90 -20.16 21.73
C VAL D 176 -3.23 -18.85 22.17
N ASP D 177 -1.96 -18.69 21.84
CA ASP D 177 -1.28 -17.44 22.13
C ASP D 177 -2.02 -16.27 21.47
N TYR D 178 -2.36 -16.42 20.18
CA TYR D 178 -3.05 -15.34 19.48
C TYR D 178 -4.40 -15.06 20.13
N GLN D 179 -5.13 -16.12 20.48
CA GLN D 179 -6.40 -15.95 21.16
C GLN D 179 -6.25 -15.29 22.53
N ASN D 180 -5.23 -15.69 23.30
CA ASN D 180 -5.02 -15.08 24.61
C ASN D 180 -4.78 -13.58 24.51
N ARG D 181 -4.01 -13.17 23.50
CA ARG D 181 -3.77 -11.75 23.26
C ARG D 181 -5.06 -11.05 22.90
N LEU D 182 -5.81 -11.62 21.97
CA LEU D 182 -7.07 -10.99 21.56
C LEU D 182 -8.04 -10.83 22.74
N ARG D 183 -8.14 -11.86 23.57
CA ARG D 183 -9.14 -11.86 24.62
C ARG D 183 -8.69 -11.11 25.87
N GLY D 184 -7.44 -10.69 25.93
CA GLY D 184 -6.97 -9.98 27.09
C GLY D 184 -6.60 -10.83 28.28
N ALA D 185 -6.15 -12.05 28.05
CA ALA D 185 -5.75 -12.92 29.14
C ALA D 185 -4.60 -12.30 29.95
N LYS D 186 -4.60 -12.61 31.24
CA LYS D 186 -3.53 -12.18 32.11
C LYS D 186 -2.21 -12.67 31.54
N ASN D 187 -1.21 -11.80 31.54
CA ASN D 187 0.12 -12.13 31.07
C ASN D 187 0.23 -12.20 29.55
N ALA D 188 -0.79 -11.78 28.80
CA ALA D 188 -0.67 -11.68 27.35
C ALA D 188 -0.52 -10.23 26.89
N PHE D 189 0.37 -10.00 25.92
CA PHE D 189 0.52 -8.68 25.29
C PHE D 189 -0.67 -8.45 24.35
N THR D 190 -1.56 -7.56 24.75
CA THR D 190 -2.88 -7.48 24.10
C THR D 190 -2.88 -6.66 22.82
N CYS D 191 -1.83 -5.87 22.55
CA CYS D 191 -1.82 -4.95 21.41
C CYS D 191 -2.09 -5.62 20.06
N THR D 192 -3.19 -5.26 19.41
CA THR D 192 -3.54 -5.91 18.15
C THR D 192 -2.79 -5.37 16.93
N ALA D 193 -2.17 -4.18 17.01
CA ALA D 193 -1.28 -3.77 15.93
C ALA D 193 -0.11 -4.73 15.78
N VAL D 194 0.49 -5.11 16.90
CA VAL D 194 1.58 -6.06 16.88
C VAL D 194 1.08 -7.45 16.54
N LEU D 195 -0.08 -7.84 17.07
CA LEU D 195 -0.60 -9.16 16.73
C LEU D 195 -0.87 -9.26 15.23
N PHE D 196 -1.43 -8.22 14.63
CA PHE D 196 -1.62 -8.26 13.18
C PHE D 196 -0.29 -8.50 12.45
N SER D 197 0.74 -7.74 12.82
CA SER D 197 2.05 -7.90 12.19
C SER D 197 2.57 -9.33 12.34
N THR D 198 2.40 -9.92 13.53
CA THR D 198 2.81 -11.28 13.79
C THR D 198 2.06 -12.29 12.93
N ILE D 199 0.73 -12.18 12.86
CA ILE D 199 -0.01 -13.13 12.06
C ILE D 199 0.27 -12.89 10.59
N GLN D 200 0.47 -11.64 10.21
CA GLN D 200 0.79 -11.31 8.80
C GLN D 200 2.10 -11.99 8.39
N LYS D 201 3.12 -11.91 9.24
CA LYS D 201 4.43 -12.53 8.96
C LYS D 201 4.23 -14.03 8.83
N LYS D 202 3.36 -14.62 9.64
CA LYS D 202 3.06 -16.06 9.56
C LYS D 202 2.41 -16.36 8.21
N LEU D 203 1.40 -15.59 7.81
CA LEU D 203 0.71 -15.83 6.56
C LEU D 203 1.67 -15.72 5.37
N GLN D 204 2.61 -14.77 5.46
CA GLN D 204 3.61 -14.58 4.41
C GLN D 204 4.54 -15.79 4.33
N LEU D 205 5.06 -16.23 5.47
CA LEU D 205 5.90 -17.42 5.50
C LEU D 205 5.17 -18.62 4.93
N LEU D 206 3.88 -18.75 5.23
CA LEU D 206 3.13 -19.91 4.77
C LEU D 206 2.85 -19.86 3.28
N HIS D 207 2.74 -18.68 2.67
CA HIS D 207 2.48 -18.62 1.23
C HIS D 207 3.74 -18.44 0.38
N LYS D 208 4.91 -18.34 1.01
CA LYS D 208 6.19 -18.11 0.30
C LYS D 208 6.35 -19.06 -0.89
N ASP D 209 6.05 -20.34 -0.72
CA ASP D 209 6.27 -21.37 -1.77
C ASP D 209 4.95 -22.00 -2.17
N GLN D 210 3.83 -21.31 -1.99
CA GLN D 210 2.49 -21.86 -2.27
C GLN D 210 1.68 -20.78 -3.00
N LYS D 211 1.54 -20.86 -4.31
CA LYS D 211 0.89 -19.81 -5.11
C LYS D 211 -0.61 -19.82 -4.81
N ASN D 212 -1.16 -20.97 -4.45
CA ASN D 212 -2.60 -21.10 -4.15
C ASN D 212 -2.90 -20.30 -2.88
N LEU D 213 -2.03 -20.39 -1.88
CA LEU D 213 -2.21 -19.68 -0.61
C LEU D 213 -1.92 -18.20 -0.86
N LYS D 214 -0.97 -17.88 -1.72
CA LYS D 214 -0.65 -16.47 -2.07
C LYS D 214 -1.87 -15.85 -2.75
N LYS D 215 -2.56 -16.59 -3.61
CA LYS D 215 -3.79 -16.09 -4.23
C LYS D 215 -4.87 -15.78 -3.19
N ILE D 216 -5.04 -16.66 -2.21
CA ILE D 216 -6.05 -16.44 -1.17
C ILE D 216 -5.70 -15.23 -0.35
N TYR D 217 -4.41 -15.10 0.02
CA TYR D 217 -3.95 -13.93 0.75
C TYR D 217 -4.28 -12.64 0.02
N ASP D 218 -4.04 -12.61 -1.29
CA ASP D 218 -4.26 -11.39 -2.07
C ASP D 218 -5.73 -11.12 -2.33
N GLN D 219 -6.60 -12.14 -2.18
CA GLN D 219 -8.03 -11.91 -2.22
C GLN D 219 -8.54 -11.25 -0.94
N ILE D 220 -7.91 -11.53 0.18
CA ILE D 220 -8.45 -11.21 1.50
C ILE D 220 -7.84 -9.95 2.08
N ILE D 221 -6.52 -9.85 2.05
CA ILE D 221 -5.86 -8.73 2.72
C ILE D 221 -5.82 -7.50 1.82
N PRO D 222 -6.43 -6.38 2.22
CA PRO D 222 -6.42 -5.18 1.37
C PRO D 222 -5.01 -4.80 0.96
N LEU D 223 -4.87 -4.28 -0.27
CA LEU D 223 -3.55 -3.93 -0.79
C LEU D 223 -2.77 -3.03 0.15
N VAL D 224 -3.42 -1.99 0.68
CA VAL D 224 -2.74 -0.98 1.48
C VAL D 224 -2.22 -1.57 2.78
N TRP D 225 -2.78 -2.70 3.21
CA TRP D 225 -2.39 -3.36 4.48
C TRP D 225 -1.50 -4.58 4.27
N GLN D 226 -1.02 -4.85 3.05
CA GLN D 226 -0.09 -5.97 2.75
C GLN D 226 1.36 -5.57 3.07
C2 AYE E . -0.29 -1.89 20.57
C3 AYE E . 0.27 -1.46 21.71
C1 AYE E . -1.18 -0.78 19.95
N1 AYE E . -2.55 -0.89 20.47
C2 AYE F . 18.39 5.65 -6.74
C3 AYE F . 19.71 5.61 -6.51
C1 AYE F . 17.86 4.24 -7.17
N1 AYE F . 17.95 4.10 -8.61
#